data_1JG9
#
_entry.id   1JG9
#
_cell.length_a   96.131
_cell.length_b   116.733
_cell.length_c   61.295
_cell.angle_alpha   90.00
_cell.angle_beta   90.00
_cell.angle_gamma   90.00
#
_symmetry.space_group_name_H-M   'P 21 21 2'
#
loop_
_entity.id
_entity.type
_entity.pdbx_description
1 polymer Amylosucrase
2 non-polymer alpha-D-glucopyranose
3 water water
#
_entity_poly.entity_id   1
_entity_poly.type   'polypeptide(L)'
_entity_poly.pdbx_seq_one_letter_code
;SPNSQYLKTRILDIYTPEQRAGIEKSEDWRQFSRRMDTHFPKLMNELDSVYGNNEALLPMLEMLLAQAWQSYSQRNSSLK
DIDIARENNPDWILSNKQVGGVCYVDLFAGDLKGLKDKIPYFQELGLTYLHLMPLFKCPEGKSDGGYAVSSYRDVNPALG
TIGDLREVIAALHEAGISAVVDFIFNHTSNEHEWAQRCAAGDPLFDNFYYIFPDRRMPDQYDRTLREIFPDQHPGGFSQL
EDGRWVWTTFNSFQWDLNYSNPWVFRAMAGEMLFLANLGVDILRMDAVAFIWKQMGTSCENLPQAHALIRAFNAVMRIAA
PAVFFKSEAIVHPDQVVQYIGQDECQIGYNPLQMALLWNTLATREVNLLHQALTYRHNLPEHTAWVNYVRSHDDIGWTFA
DEDAAYLGISGYDHRQFLNRFFVNRFDGSFARGVPFQYNPSTGDCRVSGTAAALVGLAQDDPHAVDRIKLLYSIALSTGG
LPLIYLGDEVGTLNDDDWSQDSNKSDDSRWAHRPRYNEALYAQRNDPSTAAGQIYQDLRHMIAVRQSNPRFDGGRLVTFN
TNNKHIIGYIRNNALLAFGNFSEYPQTVTAHTLQAMPFKAHDLIGGKTVSLNQDLTLQPYQVMWLEIA
;
_entity_poly.pdbx_strand_id   A
#
# COMPACT_ATOMS: atom_id res chain seq x y z
N SER A 1 -28.03 -22.34 0.81
CA SER A 1 -27.75 -20.90 1.10
C SER A 1 -28.87 -20.06 0.41
N PRO A 2 -29.28 -18.94 1.00
CA PRO A 2 -30.36 -18.06 0.46
C PRO A 2 -30.01 -17.39 -0.87
N ASN A 3 -31.03 -16.76 -1.50
CA ASN A 3 -30.85 -16.01 -2.78
C ASN A 3 -31.19 -14.52 -2.58
N SER A 4 -30.73 -13.72 -3.53
CA SER A 4 -30.88 -12.25 -3.50
C SER A 4 -32.33 -11.78 -3.40
N GLN A 5 -33.21 -12.36 -4.22
CA GLN A 5 -34.61 -11.97 -4.21
C GLN A 5 -35.24 -12.17 -2.84
N TYR A 6 -35.05 -13.36 -2.27
CA TYR A 6 -35.59 -13.68 -0.97
C TYR A 6 -35.06 -12.72 0.10
N LEU A 7 -33.75 -12.53 0.13
CA LEU A 7 -33.16 -11.65 1.12
C LEU A 7 -33.65 -10.21 1.02
N LYS A 8 -33.85 -9.73 -0.19
CA LYS A 8 -34.34 -8.36 -0.38
C LYS A 8 -35.74 -8.19 0.18
N THR A 9 -36.57 -9.22 0.06
CA THR A 9 -37.93 -9.13 0.57
C THR A 9 -37.92 -9.00 2.09
N ARG A 10 -36.88 -9.53 2.72
CA ARG A 10 -36.77 -9.46 4.16
C ARG A 10 -36.18 -8.12 4.60
N ILE A 11 -35.34 -7.52 3.76
CA ILE A 11 -34.75 -6.23 4.07
C ILE A 11 -35.87 -5.20 4.18
N LEU A 12 -36.81 -5.29 3.26
CA LEU A 12 -37.94 -4.36 3.22
C LEU A 12 -38.99 -4.60 4.32
N ASP A 13 -38.88 -5.69 5.06
CA ASP A 13 -39.86 -5.97 6.10
C ASP A 13 -39.87 -4.98 7.27
N ILE A 14 -38.88 -4.11 7.34
CA ILE A 14 -38.82 -3.12 8.42
C ILE A 14 -39.81 -2.00 8.15
N TYR A 15 -40.29 -1.90 6.92
CA TYR A 15 -41.23 -0.85 6.53
C TYR A 15 -42.69 -1.27 6.58
N THR A 16 -43.56 -0.32 6.90
CA THR A 16 -44.98 -0.58 6.95
C THR A 16 -45.40 -0.77 5.49
N PRO A 17 -46.61 -1.29 5.25
CA PRO A 17 -47.03 -1.47 3.85
C PRO A 17 -46.92 -0.19 3.02
N GLU A 18 -47.40 0.91 3.56
CA GLU A 18 -47.41 2.20 2.84
C GLU A 18 -45.97 2.63 2.54
N GLN A 19 -45.07 2.56 3.52
CA GLN A 19 -43.69 2.99 3.32
C GLN A 19 -42.99 2.09 2.31
N ARG A 20 -43.20 0.78 2.45
CA ARG A 20 -42.58 -0.20 1.57
C ARG A 20 -42.84 0.09 0.10
N ALA A 21 -44.09 0.38 -0.24
CA ALA A 21 -44.46 0.66 -1.62
C ALA A 21 -43.64 1.83 -2.17
N GLY A 22 -43.36 2.81 -1.32
CA GLY A 22 -42.58 3.96 -1.75
C GLY A 22 -41.12 3.62 -1.95
N ILE A 23 -40.57 2.78 -1.07
CA ILE A 23 -39.17 2.38 -1.20
C ILE A 23 -38.98 1.61 -2.50
N GLU A 24 -39.90 0.68 -2.76
CA GLU A 24 -39.84 -0.14 -3.97
C GLU A 24 -39.74 0.66 -5.26
N LYS A 25 -40.32 1.87 -5.26
CA LYS A 25 -40.29 2.71 -6.45
C LYS A 25 -39.19 3.78 -6.42
N SER A 26 -38.38 3.78 -5.37
CA SER A 26 -37.31 4.76 -5.25
C SER A 26 -36.09 4.41 -6.10
N GLU A 27 -35.34 5.44 -6.50
CA GLU A 27 -34.14 5.24 -7.32
C GLU A 27 -33.05 4.51 -6.54
N ASP A 28 -32.88 4.86 -5.27
CA ASP A 28 -31.86 4.20 -4.45
C ASP A 28 -32.14 2.71 -4.34
N TRP A 29 -33.38 2.33 -4.10
CA TRP A 29 -33.70 0.91 -3.99
C TRP A 29 -33.48 0.19 -5.32
N ARG A 30 -33.72 0.87 -6.43
CA ARG A 30 -33.54 0.26 -7.74
C ARG A 30 -32.06 -0.05 -8.02
N GLN A 31 -31.19 0.87 -7.61
CA GLN A 31 -29.75 0.71 -7.82
C GLN A 31 -29.23 -0.38 -6.89
N PHE A 32 -29.68 -0.34 -5.64
CA PHE A 32 -29.26 -1.31 -4.64
C PHE A 32 -29.72 -2.71 -5.07
N SER A 33 -30.96 -2.80 -5.50
CA SER A 33 -31.53 -4.07 -5.93
C SER A 33 -30.74 -4.70 -7.08
N ARG A 34 -30.38 -3.88 -8.07
CA ARG A 34 -29.63 -4.33 -9.23
C ARG A 34 -28.25 -4.84 -8.83
N ARG A 35 -27.57 -4.08 -7.98
CA ARG A 35 -26.24 -4.47 -7.53
C ARG A 35 -26.29 -5.73 -6.69
N MET A 36 -27.34 -5.87 -5.89
CA MET A 36 -27.52 -7.07 -5.07
C MET A 36 -27.59 -8.30 -5.98
N ASP A 37 -28.42 -8.24 -7.01
CA ASP A 37 -28.55 -9.38 -7.90
C ASP A 37 -27.23 -9.73 -8.56
N THR A 38 -26.48 -8.72 -8.96
CA THR A 38 -25.21 -8.93 -9.63
C THR A 38 -24.08 -9.43 -8.73
N HIS A 39 -23.96 -8.83 -7.56
CA HIS A 39 -22.87 -9.16 -6.65
C HIS A 39 -23.14 -10.02 -5.44
N PHE A 40 -24.40 -10.16 -5.04
CA PHE A 40 -24.69 -10.98 -3.86
C PHE A 40 -24.17 -12.42 -4.00
N PRO A 41 -24.28 -13.03 -5.20
CA PRO A 41 -23.80 -14.40 -5.38
C PRO A 41 -22.36 -14.58 -4.91
N LYS A 42 -21.51 -13.60 -5.20
CA LYS A 42 -20.12 -13.65 -4.76
C LYS A 42 -20.01 -13.53 -3.25
N LEU A 43 -20.77 -12.62 -2.66
CA LEU A 43 -20.75 -12.43 -1.22
C LEU A 43 -21.14 -13.73 -0.52
N MET A 44 -22.22 -14.34 -0.97
CA MET A 44 -22.70 -15.58 -0.37
C MET A 44 -21.69 -16.70 -0.54
N ASN A 45 -21.15 -16.84 -1.74
CA ASN A 45 -20.17 -17.89 -2.01
C ASN A 45 -18.91 -17.74 -1.15
N GLU A 46 -18.40 -16.53 -1.04
CA GLU A 46 -17.21 -16.29 -0.24
C GLU A 46 -17.47 -16.56 1.25
N LEU A 47 -18.58 -16.06 1.77
CA LEU A 47 -18.90 -16.27 3.18
C LEU A 47 -19.14 -17.75 3.47
N ASP A 48 -19.74 -18.45 2.52
CA ASP A 48 -19.97 -19.88 2.71
C ASP A 48 -18.67 -20.66 2.75
N SER A 49 -17.70 -20.28 1.93
CA SER A 49 -16.42 -21.00 1.91
C SER A 49 -15.68 -20.86 3.23
N VAL A 50 -15.93 -19.76 3.93
CA VAL A 50 -15.27 -19.51 5.21
C VAL A 50 -16.02 -20.04 6.42
N TYR A 51 -17.30 -19.69 6.50
CA TYR A 51 -18.12 -20.08 7.65
C TYR A 51 -18.95 -21.34 7.48
N GLY A 52 -19.16 -21.79 6.24
CA GLY A 52 -19.93 -23.00 6.03
C GLY A 52 -21.32 -22.98 6.63
N ASN A 53 -21.68 -24.04 7.35
CA ASN A 53 -23.00 -24.15 7.95
C ASN A 53 -23.12 -23.54 9.35
N ASN A 54 -22.29 -22.55 9.64
CA ASN A 54 -22.32 -21.89 10.94
C ASN A 54 -23.71 -21.32 11.21
N GLU A 55 -24.31 -21.66 12.35
CA GLU A 55 -25.64 -21.17 12.68
C GLU A 55 -25.73 -19.65 12.65
N ALA A 56 -24.62 -18.97 12.89
CA ALA A 56 -24.63 -17.50 12.91
C ALA A 56 -24.49 -16.82 11.55
N LEU A 57 -24.14 -17.57 10.51
CA LEU A 57 -23.95 -16.98 9.20
C LEU A 57 -25.18 -16.29 8.61
N LEU A 58 -26.30 -16.98 8.55
CA LEU A 58 -27.51 -16.40 7.99
C LEU A 58 -27.95 -15.16 8.77
N PRO A 59 -28.03 -15.25 10.11
CA PRO A 59 -28.45 -14.09 10.89
C PRO A 59 -27.49 -12.90 10.69
N MET A 60 -26.20 -13.20 10.67
CA MET A 60 -25.18 -12.17 10.47
C MET A 60 -25.35 -11.54 9.09
N LEU A 61 -25.50 -12.39 8.08
CA LEU A 61 -25.67 -11.90 6.71
C LEU A 61 -26.88 -10.98 6.56
N GLU A 62 -28.01 -11.38 7.13
CA GLU A 62 -29.18 -10.54 7.02
C GLU A 62 -28.99 -9.22 7.74
N MET A 63 -28.28 -9.25 8.87
CA MET A 63 -28.02 -8.02 9.61
C MET A 63 -27.11 -7.14 8.76
N LEU A 64 -26.12 -7.76 8.13
CA LEU A 64 -25.19 -7.02 7.29
C LEU A 64 -25.90 -6.38 6.08
N LEU A 65 -26.77 -7.14 5.42
CA LEU A 65 -27.49 -6.61 4.26
C LEU A 65 -28.42 -5.47 4.64
N ALA A 66 -29.01 -5.55 5.84
CA ALA A 66 -29.91 -4.51 6.31
C ALA A 66 -29.11 -3.22 6.51
N GLN A 67 -27.91 -3.35 7.07
CA GLN A 67 -27.03 -2.22 7.31
C GLN A 67 -26.53 -1.62 6.01
N ALA A 68 -26.26 -2.50 5.05
CA ALA A 68 -25.77 -2.08 3.74
C ALA A 68 -26.81 -1.21 3.05
N TRP A 69 -28.08 -1.63 3.10
CA TRP A 69 -29.14 -0.85 2.48
C TRP A 69 -29.26 0.50 3.18
N GLN A 70 -29.24 0.50 4.50
CA GLN A 70 -29.35 1.76 5.22
C GLN A 70 -28.15 2.64 4.88
N SER A 71 -26.97 2.04 4.79
CA SER A 71 -25.78 2.79 4.45
C SER A 71 -25.89 3.42 3.06
N TYR A 72 -26.35 2.63 2.09
CA TYR A 72 -26.48 3.16 0.73
C TYR A 72 -27.54 4.24 0.65
N SER A 73 -28.63 4.06 1.38
CA SER A 73 -29.72 5.03 1.38
C SER A 73 -29.21 6.39 1.88
N GLN A 74 -28.35 6.34 2.90
CA GLN A 74 -27.77 7.55 3.49
C GLN A 74 -26.66 8.18 2.68
N ARG A 75 -25.99 7.38 1.85
CA ARG A 75 -24.88 7.85 1.04
C ARG A 75 -25.19 9.12 0.25
N ASN A 76 -24.27 10.07 0.25
CA ASN A 76 -24.48 11.37 -0.44
C ASN A 76 -24.58 11.15 -1.95
N SER A 77 -25.44 11.97 -2.57
CA SER A 77 -25.67 11.93 -4.01
C SER A 77 -24.39 12.06 -4.82
N SER A 78 -23.48 12.95 -4.40
CA SER A 78 -22.23 13.14 -5.13
C SER A 78 -21.45 11.83 -5.15
N LEU A 79 -21.42 11.14 -4.02
CA LEU A 79 -20.71 9.86 -3.93
C LEU A 79 -21.38 8.80 -4.80
N LYS A 80 -22.71 8.87 -4.91
CA LYS A 80 -23.43 7.91 -5.73
C LYS A 80 -23.11 8.13 -7.20
N ASP A 81 -22.79 9.37 -7.58
CA ASP A 81 -22.44 9.65 -8.96
C ASP A 81 -21.06 9.03 -9.24
N ILE A 82 -20.18 9.07 -8.24
CA ILE A 82 -18.85 8.49 -8.40
C ILE A 82 -19.01 6.97 -8.47
N ASP A 83 -19.97 6.43 -7.72
CA ASP A 83 -20.21 4.99 -7.74
C ASP A 83 -20.51 4.55 -9.17
N ILE A 84 -21.42 5.25 -9.82
CA ILE A 84 -21.79 4.91 -11.19
C ILE A 84 -20.64 5.13 -12.16
N ALA A 85 -19.88 6.21 -11.94
CA ALA A 85 -18.75 6.52 -12.80
C ALA A 85 -17.73 5.38 -12.82
N ARG A 86 -17.34 4.90 -11.64
CA ARG A 86 -16.35 3.83 -11.55
C ARG A 86 -16.89 2.46 -11.89
N GLU A 87 -18.20 2.30 -11.71
CA GLU A 87 -18.84 1.04 -12.04
C GLU A 87 -18.68 0.81 -13.53
N ASN A 88 -18.57 1.90 -14.30
CA ASN A 88 -18.42 1.80 -15.75
C ASN A 88 -17.04 2.17 -16.26
N ASN A 89 -16.09 2.32 -15.35
CA ASN A 89 -14.72 2.63 -15.71
C ASN A 89 -13.79 1.93 -14.73
N PRO A 90 -13.78 0.60 -14.77
CA PRO A 90 -12.94 -0.21 -13.87
C PRO A 90 -11.44 0.06 -13.98
N ASP A 91 -11.01 0.58 -15.12
CA ASP A 91 -9.59 0.84 -15.33
C ASP A 91 -9.14 2.24 -14.97
N TRP A 92 -9.94 2.96 -14.19
CA TRP A 92 -9.55 4.31 -13.80
C TRP A 92 -8.23 4.29 -13.02
N ILE A 93 -7.96 3.16 -12.36
CA ILE A 93 -6.74 2.98 -11.57
C ILE A 93 -5.52 2.72 -12.44
N LEU A 94 -5.74 2.37 -13.71
CA LEU A 94 -4.64 2.07 -14.63
C LEU A 94 -4.20 3.20 -15.52
N SER A 95 -4.89 4.34 -15.42
CA SER A 95 -4.58 5.51 -16.23
C SER A 95 -3.24 6.14 -15.85
N ASN A 96 -2.50 6.60 -16.86
CA ASN A 96 -1.21 7.23 -16.61
C ASN A 96 -1.42 8.59 -15.96
N LYS A 97 -2.66 9.06 -15.98
CA LYS A 97 -2.95 10.36 -15.37
C LYS A 97 -2.83 10.33 -13.85
N GLN A 98 -2.86 9.13 -13.27
CA GLN A 98 -2.79 8.99 -11.81
C GLN A 98 -1.38 8.99 -11.24
N VAL A 99 -1.20 9.78 -10.18
CA VAL A 99 0.07 9.85 -9.45
C VAL A 99 -0.32 10.12 -8.00
N GLY A 100 0.18 9.29 -7.09
CA GLY A 100 -0.19 9.47 -5.70
C GLY A 100 0.92 9.92 -4.77
N GLY A 101 0.49 10.38 -3.60
CA GLY A 101 1.43 10.82 -2.58
C GLY A 101 0.90 10.32 -1.25
N VAL A 102 1.80 10.15 -0.28
CA VAL A 102 1.39 9.71 1.05
C VAL A 102 2.14 10.54 2.10
N CYS A 103 1.45 10.85 3.19
CA CYS A 103 2.06 11.63 4.28
C CYS A 103 1.29 11.51 5.59
N TYR A 104 1.96 11.87 6.67
CA TYR A 104 1.33 11.88 7.99
C TYR A 104 0.78 13.28 8.12
N VAL A 105 -0.47 13.40 8.57
CA VAL A 105 -1.06 14.73 8.71
C VAL A 105 -0.27 15.58 9.71
N ASP A 106 0.03 15.01 10.86
CA ASP A 106 0.76 15.74 11.89
C ASP A 106 2.18 16.11 11.48
N LEU A 107 2.91 15.16 10.91
CA LEU A 107 4.29 15.43 10.50
C LEU A 107 4.41 16.36 9.31
N PHE A 108 3.53 16.20 8.33
CA PHE A 108 3.58 17.02 7.13
C PHE A 108 2.94 18.38 7.26
N ALA A 109 1.80 18.45 7.95
CA ALA A 109 1.09 19.72 8.06
C ALA A 109 0.52 20.08 9.43
N GLY A 110 0.99 19.42 10.49
CA GLY A 110 0.49 19.73 11.82
C GLY A 110 -0.83 19.11 12.19
N ASP A 111 -1.90 19.56 11.53
CA ASP A 111 -3.23 19.02 11.77
C ASP A 111 -4.06 18.99 10.49
N LEU A 112 -5.28 18.49 10.57
CA LEU A 112 -6.15 18.40 9.40
C LEU A 112 -6.40 19.75 8.73
N LYS A 113 -6.52 20.81 9.53
CA LYS A 113 -6.75 22.14 8.96
C LYS A 113 -5.51 22.54 8.16
N GLY A 114 -4.34 22.26 8.73
CA GLY A 114 -3.10 22.59 8.07
C GLY A 114 -2.91 21.77 6.80
N LEU A 115 -3.39 20.53 6.83
CA LEU A 115 -3.26 19.67 5.65
C LEU A 115 -4.08 20.27 4.52
N LYS A 116 -5.27 20.75 4.84
CA LYS A 116 -6.14 21.34 3.82
C LYS A 116 -5.45 22.51 3.14
N ASP A 117 -4.62 23.24 3.88
CA ASP A 117 -3.91 24.39 3.31
C ASP A 117 -2.74 23.98 2.42
N LYS A 118 -2.37 22.70 2.47
CA LYS A 118 -1.28 22.19 1.64
C LYS A 118 -1.79 21.63 0.33
N ILE A 119 -3.11 21.56 0.18
CA ILE A 119 -3.68 21.02 -1.06
C ILE A 119 -3.17 21.75 -2.31
N PRO A 120 -3.01 23.09 -2.24
CA PRO A 120 -2.51 23.79 -3.43
C PRO A 120 -1.17 23.22 -3.88
N TYR A 121 -0.34 22.83 -2.90
CA TYR A 121 0.96 22.26 -3.22
C TYR A 121 0.78 20.90 -3.90
N PHE A 122 -0.13 20.09 -3.38
CA PHE A 122 -0.36 18.78 -3.98
C PHE A 122 -0.76 18.93 -5.45
N GLN A 123 -1.58 19.94 -5.73
CA GLN A 123 -1.99 20.19 -7.11
C GLN A 123 -0.78 20.64 -7.92
N GLU A 124 0.07 21.45 -7.29
CA GLU A 124 1.28 21.97 -7.93
C GLU A 124 2.18 20.81 -8.34
N LEU A 125 2.27 19.81 -7.46
CA LEU A 125 3.09 18.62 -7.70
C LEU A 125 2.47 17.69 -8.74
N GLY A 126 1.16 17.76 -8.88
CA GLY A 126 0.46 16.93 -9.85
C GLY A 126 -0.25 15.71 -9.29
N LEU A 127 -0.44 15.67 -7.97
CA LEU A 127 -1.10 14.53 -7.35
C LEU A 127 -2.58 14.41 -7.68
N THR A 128 -3.04 13.17 -7.83
CA THR A 128 -4.45 12.89 -8.10
C THR A 128 -4.91 11.86 -7.08
N TYR A 129 -4.00 11.53 -6.17
CA TYR A 129 -4.24 10.51 -5.14
C TYR A 129 -3.47 10.87 -3.88
N LEU A 130 -4.13 10.88 -2.73
CA LEU A 130 -3.43 11.20 -1.48
C LEU A 130 -3.81 10.25 -0.36
N HIS A 131 -2.80 9.55 0.16
CA HIS A 131 -2.99 8.62 1.26
C HIS A 131 -2.57 9.32 2.55
N LEU A 132 -3.51 9.42 3.49
CA LEU A 132 -3.25 10.03 4.78
C LEU A 132 -3.08 8.94 5.82
N MET A 133 -1.98 8.99 6.55
CA MET A 133 -1.69 7.98 7.56
C MET A 133 -2.76 7.96 8.67
N PRO A 134 -2.85 6.84 9.42
CA PRO A 134 -3.84 6.65 10.50
C PRO A 134 -4.30 7.94 11.18
N LEU A 135 -5.58 8.23 11.03
CA LEU A 135 -6.20 9.45 11.53
C LEU A 135 -7.05 9.34 12.79
N PHE A 136 -7.43 8.12 13.15
CA PHE A 136 -8.30 7.96 14.31
C PHE A 136 -7.63 7.70 15.65
N LYS A 137 -8.43 7.82 16.71
CA LYS A 137 -7.96 7.64 18.09
C LYS A 137 -7.09 6.40 18.30
N CYS A 138 -6.02 6.58 19.05
CA CYS A 138 -5.10 5.50 19.37
C CYS A 138 -4.47 5.78 20.72
N PRO A 139 -3.79 4.77 21.30
CA PRO A 139 -3.16 4.97 22.62
C PRO A 139 -2.17 6.12 22.64
N GLU A 140 -2.05 6.77 23.80
CA GLU A 140 -1.11 7.86 23.95
C GLU A 140 0.29 7.26 24.08
N GLY A 141 1.28 7.94 23.52
CA GLY A 141 2.64 7.43 23.59
C GLY A 141 2.95 6.46 22.46
N LYS A 142 2.94 5.16 22.76
CA LYS A 142 3.24 4.15 21.75
C LYS A 142 1.98 3.58 21.12
N SER A 143 1.83 3.79 19.81
CA SER A 143 0.66 3.30 19.09
C SER A 143 1.03 2.78 17.71
N ASP A 144 2.29 2.41 17.53
CA ASP A 144 2.77 1.95 16.22
C ASP A 144 2.41 2.99 15.18
N GLY A 145 2.63 4.26 15.53
CA GLY A 145 2.34 5.34 14.62
C GLY A 145 0.90 5.41 14.16
N GLY A 146 -0.02 5.14 15.09
CA GLY A 146 -1.44 5.20 14.78
C GLY A 146 -2.04 3.88 14.31
N TYR A 147 -1.20 2.87 14.10
CA TYR A 147 -1.71 1.58 13.66
C TYR A 147 -2.30 0.70 14.76
N ALA A 148 -2.33 1.22 15.98
CA ALA A 148 -2.96 0.50 17.10
C ALA A 148 -4.20 1.35 17.35
N VAL A 149 -5.31 1.00 16.69
CA VAL A 149 -6.53 1.79 16.78
C VAL A 149 -7.42 1.54 18.00
N SER A 150 -7.87 2.63 18.63
CA SER A 150 -8.73 2.55 19.79
C SER A 150 -10.17 2.92 19.40
N SER A 151 -10.33 3.39 18.18
CA SER A 151 -11.64 3.78 17.64
C SER A 151 -11.54 3.98 16.14
N TYR A 152 -12.49 3.42 15.41
CA TYR A 152 -12.49 3.55 13.95
C TYR A 152 -13.27 4.77 13.49
N ARG A 153 -13.94 5.46 14.41
CA ARG A 153 -14.73 6.62 14.02
C ARG A 153 -14.40 7.94 14.69
N ASP A 154 -13.73 7.88 15.83
CA ASP A 154 -13.35 9.12 16.52
C ASP A 154 -11.96 9.51 16.08
N VAL A 155 -11.84 10.69 15.48
CA VAL A 155 -10.57 11.21 15.00
C VAL A 155 -9.62 11.58 16.14
N ASN A 156 -8.34 11.33 15.93
CA ASN A 156 -7.30 11.65 16.90
C ASN A 156 -7.43 13.15 17.14
N PRO A 157 -7.76 13.57 18.37
CA PRO A 157 -7.92 15.00 18.66
C PRO A 157 -6.73 15.88 18.28
N ALA A 158 -5.53 15.32 18.32
CA ALA A 158 -4.32 16.07 17.97
C ALA A 158 -4.38 16.53 16.52
N LEU A 159 -5.04 15.74 15.68
CA LEU A 159 -5.16 16.05 14.27
C LEU A 159 -6.37 16.94 13.98
N GLY A 160 -7.40 16.80 14.80
CA GLY A 160 -8.59 17.60 14.60
C GLY A 160 -9.87 16.85 14.91
N THR A 161 -10.95 17.24 14.24
CA THR A 161 -12.26 16.63 14.45
C THR A 161 -12.76 15.91 13.20
N ILE A 162 -13.81 15.11 13.36
CA ILE A 162 -14.39 14.39 12.24
C ILE A 162 -14.87 15.44 11.24
N GLY A 163 -15.28 16.59 11.77
CA GLY A 163 -15.73 17.67 10.92
C GLY A 163 -14.58 18.14 10.04
N ASP A 164 -13.41 18.28 10.65
CA ASP A 164 -12.23 18.70 9.89
C ASP A 164 -11.90 17.67 8.82
N LEU A 165 -12.04 16.39 9.15
CA LEU A 165 -11.73 15.36 8.18
C LEU A 165 -12.67 15.46 6.98
N ARG A 166 -13.95 15.71 7.23
CA ARG A 166 -14.91 15.83 6.13
C ARG A 166 -14.53 17.00 5.22
N GLU A 167 -14.08 18.10 5.82
CA GLU A 167 -13.69 19.27 5.04
C GLU A 167 -12.47 18.96 4.18
N VAL A 168 -11.52 18.21 4.73
CA VAL A 168 -10.33 17.83 3.99
C VAL A 168 -10.70 16.94 2.81
N ILE A 169 -11.55 15.94 3.05
CA ILE A 169 -11.97 15.06 1.97
C ILE A 169 -12.66 15.83 0.86
N ALA A 170 -13.57 16.72 1.25
CA ALA A 170 -14.29 17.53 0.29
C ALA A 170 -13.34 18.41 -0.50
N ALA A 171 -12.34 18.96 0.19
CA ALA A 171 -11.35 19.82 -0.44
C ALA A 171 -10.48 19.01 -1.42
N LEU A 172 -10.17 17.78 -1.06
CA LEU A 172 -9.37 16.93 -1.93
C LEU A 172 -10.14 16.61 -3.20
N HIS A 173 -11.42 16.24 -3.08
CA HIS A 173 -12.22 15.93 -4.25
C HIS A 173 -12.35 17.16 -5.14
N GLU A 174 -12.49 18.33 -4.52
CA GLU A 174 -12.63 19.58 -5.26
C GLU A 174 -11.38 19.85 -6.10
N ALA A 175 -10.22 19.41 -5.59
CA ALA A 175 -8.95 19.60 -6.28
C ALA A 175 -8.61 18.46 -7.23
N GLY A 176 -9.53 17.52 -7.39
CA GLY A 176 -9.30 16.39 -8.27
C GLY A 176 -8.36 15.36 -7.67
N ILE A 177 -8.40 15.22 -6.36
CA ILE A 177 -7.54 14.28 -5.65
C ILE A 177 -8.36 13.27 -4.86
N SER A 178 -8.09 11.98 -5.10
CA SER A 178 -8.79 10.92 -4.38
C SER A 178 -8.26 10.80 -2.96
N ALA A 179 -9.16 10.52 -2.01
CA ALA A 179 -8.78 10.37 -0.61
C ALA A 179 -8.57 8.90 -0.31
N VAL A 180 -7.38 8.58 0.21
CA VAL A 180 -7.02 7.21 0.54
C VAL A 180 -6.67 7.11 2.02
N VAL A 181 -7.30 6.17 2.72
CA VAL A 181 -7.03 6.00 4.14
C VAL A 181 -6.87 4.53 4.49
N ASP A 182 -6.33 4.27 5.68
CA ASP A 182 -6.11 2.90 6.14
C ASP A 182 -7.34 2.20 6.67
N PHE A 183 -7.42 0.90 6.40
CA PHE A 183 -8.48 0.05 6.92
C PHE A 183 -7.65 -0.97 7.71
N ILE A 184 -7.44 -0.64 8.98
CA ILE A 184 -6.64 -1.47 9.87
C ILE A 184 -7.57 -2.54 10.42
N PHE A 185 -7.82 -3.55 9.59
CA PHE A 185 -8.77 -4.60 9.96
C PHE A 185 -8.23 -5.91 10.52
N ASN A 186 -6.92 -6.04 10.69
CA ASN A 186 -6.41 -7.29 11.25
C ASN A 186 -6.31 -7.25 12.77
N HIS A 187 -6.28 -6.06 13.33
CA HIS A 187 -6.14 -5.91 14.77
C HIS A 187 -6.54 -4.53 15.25
N THR A 188 -6.80 -4.43 16.56
CA THR A 188 -7.14 -3.15 17.20
C THR A 188 -6.17 -2.98 18.36
N SER A 189 -6.18 -1.81 18.98
CA SER A 189 -5.32 -1.58 20.12
C SER A 189 -5.95 -2.33 21.28
N ASN A 190 -5.18 -2.57 22.34
CA ASN A 190 -5.71 -3.27 23.50
C ASN A 190 -6.60 -2.35 24.34
N GLU A 191 -6.71 -1.10 23.92
CA GLU A 191 -7.55 -0.12 24.62
C GLU A 191 -8.88 0.09 23.89
N HIS A 192 -9.05 -0.58 22.76
CA HIS A 192 -10.29 -0.46 21.99
C HIS A 192 -11.42 -1.07 22.82
N GLU A 193 -12.60 -0.48 22.74
CA GLU A 193 -13.77 -0.96 23.48
C GLU A 193 -13.99 -2.47 23.30
N TRP A 194 -13.90 -2.94 22.06
CA TRP A 194 -14.11 -4.37 21.79
C TRP A 194 -13.12 -5.24 22.56
N ALA A 195 -11.85 -4.82 22.59
CA ALA A 195 -10.80 -5.56 23.27
C ALA A 195 -11.07 -5.61 24.78
N GLN A 196 -11.39 -4.46 25.36
CA GLN A 196 -11.67 -4.40 26.79
C GLN A 196 -12.85 -5.29 27.17
N ARG A 197 -13.95 -5.15 26.43
CA ARG A 197 -15.14 -5.94 26.69
C ARG A 197 -14.93 -7.44 26.47
N CYS A 198 -14.16 -7.79 25.44
CA CYS A 198 -13.91 -9.20 25.17
C CYS A 198 -13.16 -9.80 26.35
N ALA A 199 -12.04 -9.16 26.71
CA ALA A 199 -11.23 -9.64 27.82
C ALA A 199 -11.99 -9.65 29.14
N ALA A 200 -12.91 -8.70 29.32
CA ALA A 200 -13.71 -8.61 30.55
C ALA A 200 -14.75 -9.71 30.66
N GLY A 201 -15.00 -10.43 29.57
CA GLY A 201 -15.99 -11.50 29.61
C GLY A 201 -17.39 -11.10 29.18
N ASP A 202 -17.52 -9.93 28.55
CA ASP A 202 -18.83 -9.48 28.07
C ASP A 202 -19.23 -10.42 26.95
N PRO A 203 -20.37 -11.11 27.10
CA PRO A 203 -20.81 -12.05 26.06
C PRO A 203 -21.03 -11.42 24.68
N LEU A 204 -21.30 -10.12 24.63
CA LEU A 204 -21.52 -9.48 23.34
C LEU A 204 -20.25 -9.47 22.51
N PHE A 205 -19.10 -9.51 23.17
CA PHE A 205 -17.84 -9.51 22.44
C PHE A 205 -17.05 -10.78 22.61
N ASP A 206 -17.77 -11.86 22.87
CA ASP A 206 -17.14 -13.16 23.03
C ASP A 206 -16.44 -13.54 21.74
N ASN A 207 -15.25 -14.09 21.87
CA ASN A 207 -14.47 -14.55 20.73
C ASN A 207 -14.20 -13.49 19.67
N PHE A 208 -13.99 -12.24 20.09
CA PHE A 208 -13.69 -11.20 19.12
C PHE A 208 -12.19 -11.19 18.88
N TYR A 209 -11.46 -11.88 19.75
CA TYR A 209 -10.01 -11.98 19.65
C TYR A 209 -9.61 -13.42 19.95
N TYR A 210 -8.31 -13.71 19.92
CA TYR A 210 -7.81 -15.07 20.21
C TYR A 210 -7.13 -15.06 21.57
N ILE A 211 -7.84 -15.52 22.60
CA ILE A 211 -7.28 -15.53 23.95
C ILE A 211 -7.19 -16.97 24.47
N PHE A 212 -6.05 -17.28 25.07
CA PHE A 212 -5.78 -18.62 25.60
C PHE A 212 -5.49 -18.57 27.10
N PRO A 213 -5.76 -19.67 27.82
CA PRO A 213 -5.53 -19.75 29.27
C PRO A 213 -4.07 -19.87 29.67
N ASP A 214 -3.27 -20.48 28.81
CA ASP A 214 -1.85 -20.69 29.08
C ASP A 214 -1.05 -20.76 27.78
N ARG A 215 0.19 -21.24 27.87
CA ARG A 215 1.04 -21.34 26.68
C ARG A 215 0.86 -22.59 25.83
N ARG A 216 -0.04 -23.48 26.22
CA ARG A 216 -0.22 -24.73 25.45
C ARG A 216 -0.45 -24.50 23.96
N MET A 217 -1.49 -23.76 23.62
CA MET A 217 -1.75 -23.52 22.21
C MET A 217 -0.76 -22.53 21.63
N PRO A 218 -0.46 -21.44 22.35
CA PRO A 218 0.51 -20.49 21.79
C PRO A 218 1.83 -21.18 21.41
N ASP A 219 2.29 -22.10 22.25
CA ASP A 219 3.54 -22.79 21.96
C ASP A 219 3.40 -23.59 20.67
N GLN A 220 2.26 -24.24 20.49
CA GLN A 220 2.03 -25.03 19.27
C GLN A 220 1.99 -24.12 18.04
N TYR A 221 1.32 -22.98 18.16
CA TYR A 221 1.22 -22.05 17.04
C TYR A 221 2.60 -21.48 16.69
N ASP A 222 3.36 -21.12 17.71
CA ASP A 222 4.69 -20.54 17.49
C ASP A 222 5.66 -21.40 16.69
N ARG A 223 5.42 -22.70 16.61
CA ARG A 223 6.29 -23.59 15.85
C ARG A 223 6.37 -23.16 14.38
N THR A 224 5.27 -22.59 13.88
CA THR A 224 5.22 -22.19 12.48
C THR A 224 5.00 -20.71 12.20
N LEU A 225 5.04 -19.86 13.22
CA LEU A 225 4.83 -18.42 13.01
C LEU A 225 6.10 -17.62 12.77
N ARG A 226 6.01 -16.66 11.87
CA ARG A 226 7.13 -15.79 11.54
C ARG A 226 7.03 -14.59 12.48
N GLU A 227 8.18 -14.15 13.00
CA GLU A 227 8.21 -13.01 13.91
C GLU A 227 8.34 -11.70 13.13
N ILE A 228 7.36 -10.82 13.32
CA ILE A 228 7.34 -9.53 12.64
C ILE A 228 8.16 -8.49 13.42
N PHE A 229 7.92 -8.39 14.72
CA PHE A 229 8.66 -7.46 15.57
C PHE A 229 9.32 -8.25 16.70
N PRO A 230 10.33 -9.07 16.37
CA PRO A 230 11.05 -9.88 17.36
C PRO A 230 11.63 -9.08 18.53
N ASP A 231 11.85 -7.78 18.30
CA ASP A 231 12.38 -6.90 19.34
C ASP A 231 11.34 -6.71 20.45
N GLN A 232 10.07 -6.75 20.07
CA GLN A 232 8.97 -6.56 21.01
C GLN A 232 8.62 -7.79 21.83
N HIS A 233 8.55 -8.95 21.17
CA HIS A 233 8.20 -10.19 21.83
C HIS A 233 8.43 -11.38 20.90
N PRO A 234 8.61 -12.58 21.47
CA PRO A 234 8.83 -13.75 20.62
C PRO A 234 7.49 -14.32 20.16
N GLY A 235 7.53 -15.08 19.07
CA GLY A 235 6.32 -15.69 18.56
C GLY A 235 5.22 -14.70 18.25
N GLY A 236 3.97 -15.16 18.32
CA GLY A 236 2.86 -14.29 18.02
C GLY A 236 1.93 -14.01 19.18
N PHE A 237 2.41 -14.19 20.40
CA PHE A 237 1.54 -13.96 21.55
C PHE A 237 2.12 -13.09 22.66
N SER A 238 1.23 -12.44 23.39
CA SER A 238 1.58 -11.59 24.51
C SER A 238 0.72 -12.01 25.69
N GLN A 239 1.24 -11.84 26.90
CA GLN A 239 0.49 -12.25 28.07
C GLN A 239 -0.22 -11.09 28.76
N LEU A 240 -1.45 -11.33 29.19
CA LEU A 240 -2.26 -10.33 29.88
C LEU A 240 -1.84 -10.32 31.34
N GLU A 241 -2.24 -9.30 32.07
CA GLU A 241 -1.90 -9.18 33.46
C GLU A 241 -2.53 -10.27 34.33
N ASP A 242 -3.62 -10.85 33.86
CA ASP A 242 -4.29 -11.92 34.61
C ASP A 242 -3.72 -13.29 34.29
N GLY A 243 -2.69 -13.33 33.45
CA GLY A 243 -2.05 -14.59 33.12
C GLY A 243 -2.40 -15.21 31.78
N ARG A 244 -3.51 -14.81 31.18
CA ARG A 244 -3.92 -15.35 29.89
C ARG A 244 -3.04 -14.81 28.77
N TRP A 245 -3.06 -15.48 27.62
CA TRP A 245 -2.26 -15.05 26.47
C TRP A 245 -3.16 -14.64 25.31
N VAL A 246 -2.74 -13.62 24.57
CA VAL A 246 -3.53 -13.14 23.44
C VAL A 246 -2.68 -13.10 22.18
N TRP A 247 -3.31 -13.35 21.03
CA TRP A 247 -2.60 -13.34 19.76
C TRP A 247 -2.27 -11.89 19.39
N THR A 248 -0.97 -11.62 19.24
CA THR A 248 -0.51 -10.27 18.89
C THR A 248 0.61 -10.41 17.85
N THR A 249 0.22 -10.41 16.59
CA THR A 249 1.18 -10.56 15.50
C THR A 249 2.20 -9.44 15.51
N PHE A 250 1.74 -8.23 15.83
CA PHE A 250 2.61 -7.08 15.84
C PHE A 250 3.00 -6.68 17.27
N ASN A 251 2.76 -5.44 17.67
CA ASN A 251 3.11 -5.06 19.04
C ASN A 251 2.18 -5.74 20.03
N SER A 252 2.61 -5.83 21.29
CA SER A 252 1.80 -6.45 22.32
C SER A 252 0.50 -5.71 22.56
N PHE A 253 0.47 -4.43 22.22
CA PHE A 253 -0.72 -3.62 22.40
C PHE A 253 -1.63 -3.63 21.16
N GLN A 254 -1.34 -4.54 20.23
CA GLN A 254 -2.15 -4.69 19.02
C GLN A 254 -2.68 -6.14 19.05
N TRP A 255 -3.98 -6.28 19.31
CA TRP A 255 -4.62 -7.59 19.41
C TRP A 255 -5.29 -8.00 18.10
N ASP A 256 -4.90 -9.16 17.57
CA ASP A 256 -5.47 -9.65 16.31
C ASP A 256 -6.96 -9.97 16.44
N LEU A 257 -7.77 -9.42 15.54
CA LEU A 257 -9.21 -9.66 15.53
C LEU A 257 -9.48 -11.09 15.04
N ASN A 258 -10.50 -11.70 15.62
CA ASN A 258 -10.86 -13.09 15.31
C ASN A 258 -11.93 -13.24 14.22
N TYR A 259 -11.50 -13.33 12.97
CA TYR A 259 -12.44 -13.46 11.87
C TYR A 259 -13.10 -14.83 11.79
N SER A 260 -12.70 -15.76 12.67
CA SER A 260 -13.32 -17.07 12.65
C SER A 260 -14.71 -16.94 13.27
N ASN A 261 -14.97 -15.76 13.84
CA ASN A 261 -16.26 -15.43 14.44
C ASN A 261 -16.96 -14.56 13.39
N PRO A 262 -18.05 -15.06 12.79
CA PRO A 262 -18.75 -14.26 11.77
C PRO A 262 -19.20 -12.87 12.24
N TRP A 263 -19.41 -12.70 13.54
CA TRP A 263 -19.83 -11.38 14.05
C TRP A 263 -18.71 -10.35 13.95
N VAL A 264 -17.46 -10.81 13.84
CA VAL A 264 -16.33 -9.90 13.70
C VAL A 264 -16.32 -9.35 12.26
N PHE A 265 -16.69 -10.19 11.30
CA PHE A 265 -16.75 -9.75 9.91
C PHE A 265 -17.81 -8.67 9.80
N ARG A 266 -18.98 -8.94 10.37
CA ARG A 266 -20.08 -7.99 10.33
C ARG A 266 -19.65 -6.65 10.95
N ALA A 267 -18.98 -6.72 12.09
CA ALA A 267 -18.52 -5.53 12.79
C ALA A 267 -17.57 -4.72 11.91
N MET A 268 -16.63 -5.40 11.28
CA MET A 268 -15.68 -4.71 10.44
C MET A 268 -16.29 -4.21 9.13
N ALA A 269 -17.31 -4.91 8.64
CA ALA A 269 -17.97 -4.47 7.42
C ALA A 269 -18.69 -3.17 7.74
N GLY A 270 -19.20 -3.07 8.96
CA GLY A 270 -19.89 -1.86 9.38
C GLY A 270 -18.94 -0.67 9.38
N GLU A 271 -17.72 -0.88 9.88
CA GLU A 271 -16.73 0.19 9.92
C GLU A 271 -16.33 0.58 8.50
N MET A 272 -16.27 -0.40 7.60
CA MET A 272 -15.91 -0.13 6.21
C MET A 272 -16.96 0.77 5.56
N LEU A 273 -18.22 0.50 5.85
CA LEU A 273 -19.30 1.30 5.29
C LEU A 273 -19.24 2.72 5.82
N PHE A 274 -18.81 2.88 7.07
CA PHE A 274 -18.71 4.21 7.66
C PHE A 274 -17.66 4.99 6.88
N LEU A 275 -16.51 4.37 6.63
CA LEU A 275 -15.45 5.05 5.88
C LEU A 275 -15.92 5.34 4.46
N ALA A 276 -16.63 4.39 3.87
CA ALA A 276 -17.14 4.55 2.51
C ALA A 276 -17.98 5.81 2.39
N ASN A 277 -18.87 6.03 3.35
CA ASN A 277 -19.74 7.19 3.29
C ASN A 277 -19.10 8.51 3.67
N LEU A 278 -17.86 8.48 4.13
CA LEU A 278 -17.14 9.71 4.44
C LEU A 278 -16.63 10.22 3.10
N GLY A 279 -16.63 9.35 2.10
CA GLY A 279 -16.17 9.73 0.78
C GLY A 279 -14.83 9.16 0.38
N VAL A 280 -14.29 8.25 1.19
CA VAL A 280 -13.01 7.62 0.90
C VAL A 280 -13.08 6.95 -0.46
N ASP A 281 -12.02 7.09 -1.25
CA ASP A 281 -11.97 6.51 -2.59
C ASP A 281 -11.29 5.16 -2.58
N ILE A 282 -10.24 5.04 -1.78
CA ILE A 282 -9.49 3.80 -1.69
C ILE A 282 -9.14 3.48 -0.24
N LEU A 283 -9.32 2.22 0.12
CA LEU A 283 -8.97 1.76 1.46
C LEU A 283 -7.72 0.90 1.37
N ARG A 284 -6.71 1.24 2.16
CA ARG A 284 -5.47 0.46 2.20
C ARG A 284 -5.78 -0.71 3.14
N MET A 285 -5.88 -1.92 2.59
CA MET A 285 -6.18 -3.09 3.40
C MET A 285 -4.90 -3.52 4.09
N ASP A 286 -4.76 -3.13 5.34
CA ASP A 286 -3.54 -3.43 6.09
C ASP A 286 -3.42 -4.83 6.67
N ALA A 287 -2.22 -5.39 6.51
CA ALA A 287 -1.91 -6.72 7.02
C ALA A 287 -2.90 -7.78 6.58
N VAL A 288 -3.28 -7.75 5.30
CA VAL A 288 -4.23 -8.71 4.75
C VAL A 288 -3.79 -10.16 4.92
N ALA A 289 -2.49 -10.39 4.87
CA ALA A 289 -1.97 -11.75 4.96
C ALA A 289 -2.28 -12.51 6.25
N PHE A 290 -2.50 -11.76 7.33
CA PHE A 290 -2.71 -12.36 8.65
C PHE A 290 -4.12 -12.58 9.16
N ILE A 291 -5.13 -12.24 8.39
CA ILE A 291 -6.50 -12.37 8.90
C ILE A 291 -7.12 -13.75 9.13
N TRP A 292 -6.38 -14.81 8.87
CA TRP A 292 -6.90 -16.15 9.17
C TRP A 292 -5.79 -16.99 9.78
N LYS A 293 -6.13 -17.74 10.84
CA LYS A 293 -5.15 -18.57 11.54
C LYS A 293 -5.54 -20.04 11.45
N GLN A 294 -4.53 -20.91 11.44
CA GLN A 294 -4.78 -22.34 11.41
C GLN A 294 -3.56 -23.07 11.92
N MET A 295 -3.73 -23.80 13.03
CA MET A 295 -2.67 -24.56 13.65
C MET A 295 -1.91 -25.36 12.60
N GLY A 296 -0.58 -25.37 12.72
CA GLY A 296 0.23 -26.13 11.77
C GLY A 296 0.62 -25.39 10.50
N THR A 297 0.09 -24.18 10.32
CA THR A 297 0.39 -23.39 9.14
C THR A 297 1.07 -22.11 9.59
N SER A 298 1.56 -21.32 8.63
CA SER A 298 2.24 -20.07 8.94
C SER A 298 1.22 -19.01 9.35
N CYS A 299 -0.06 -19.32 9.18
CA CYS A 299 -1.11 -18.36 9.52
C CYS A 299 -0.95 -17.08 8.71
N GLU A 300 -0.49 -17.26 7.47
CA GLU A 300 -0.31 -16.16 6.52
C GLU A 300 -0.79 -16.63 5.16
N ASN A 301 -1.50 -15.75 4.46
CA ASN A 301 -1.97 -16.04 3.10
C ASN A 301 -2.86 -17.28 2.98
N LEU A 302 -3.58 -17.63 4.04
CA LEU A 302 -4.45 -18.79 3.98
C LEU A 302 -5.65 -18.52 3.08
N PRO A 303 -6.25 -19.58 2.53
CA PRO A 303 -7.42 -19.48 1.64
C PRO A 303 -8.56 -18.60 2.16
N GLN A 304 -8.93 -18.79 3.43
CA GLN A 304 -10.00 -18.02 4.03
C GLN A 304 -9.67 -16.52 4.09
N ALA A 305 -8.40 -16.18 4.18
CA ALA A 305 -8.02 -14.76 4.21
C ALA A 305 -8.44 -14.12 2.89
N HIS A 306 -8.12 -14.78 1.78
CA HIS A 306 -8.49 -14.27 0.47
C HIS A 306 -10.01 -14.20 0.31
N ALA A 307 -10.69 -15.22 0.81
CA ALA A 307 -12.15 -15.27 0.72
C ALA A 307 -12.81 -14.13 1.48
N LEU A 308 -12.29 -13.82 2.66
CA LEU A 308 -12.82 -12.73 3.48
C LEU A 308 -12.65 -11.39 2.78
N ILE A 309 -11.51 -11.20 2.13
CA ILE A 309 -11.26 -9.95 1.43
C ILE A 309 -12.22 -9.86 0.24
N ARG A 310 -12.47 -10.98 -0.43
CA ARG A 310 -13.41 -10.93 -1.56
C ARG A 310 -14.83 -10.67 -1.08
N ALA A 311 -15.14 -11.10 0.15
CA ALA A 311 -16.47 -10.86 0.70
C ALA A 311 -16.59 -9.35 0.96
N PHE A 312 -15.54 -8.76 1.52
CA PHE A 312 -15.56 -7.31 1.76
C PHE A 312 -15.72 -6.58 0.43
N ASN A 313 -15.04 -7.06 -0.61
CA ASN A 313 -15.12 -6.45 -1.93
C ASN A 313 -16.58 -6.42 -2.39
N ALA A 314 -17.26 -7.56 -2.27
CA ALA A 314 -18.65 -7.65 -2.69
C ALA A 314 -19.56 -6.67 -1.93
N VAL A 315 -19.27 -6.44 -0.65
CA VAL A 315 -20.08 -5.52 0.14
C VAL A 315 -19.99 -4.12 -0.49
N MET A 316 -18.79 -3.74 -0.92
CA MET A 316 -18.61 -2.43 -1.54
C MET A 316 -19.27 -2.38 -2.91
N ARG A 317 -19.24 -3.48 -3.65
CA ARG A 317 -19.85 -3.52 -4.98
C ARG A 317 -21.36 -3.27 -4.84
N ILE A 318 -21.91 -3.67 -3.70
CA ILE A 318 -23.33 -3.51 -3.43
C ILE A 318 -23.71 -2.19 -2.78
N ALA A 319 -22.94 -1.77 -1.78
CA ALA A 319 -23.26 -0.56 -1.03
C ALA A 319 -22.42 0.70 -1.23
N ALA A 320 -21.31 0.61 -1.96
CA ALA A 320 -20.46 1.77 -2.21
C ALA A 320 -19.45 1.42 -3.31
N PRO A 321 -19.94 1.25 -4.54
CA PRO A 321 -19.15 0.90 -5.73
C PRO A 321 -17.89 1.73 -5.98
N ALA A 322 -17.88 2.97 -5.51
CA ALA A 322 -16.72 3.83 -5.73
C ALA A 322 -15.48 3.44 -4.95
N VAL A 323 -15.68 2.72 -3.85
CA VAL A 323 -14.58 2.32 -2.97
C VAL A 323 -13.75 1.14 -3.46
N PHE A 324 -12.48 1.39 -3.73
CA PHE A 324 -11.56 0.35 -4.19
C PHE A 324 -10.62 -0.04 -3.05
N PHE A 325 -9.97 -1.19 -3.20
CA PHE A 325 -9.05 -1.69 -2.17
C PHE A 325 -7.62 -1.70 -2.65
N LYS A 326 -6.70 -1.44 -1.72
CA LYS A 326 -5.28 -1.48 -2.00
C LYS A 326 -4.70 -2.50 -1.02
N SER A 327 -4.24 -3.62 -1.56
CA SER A 327 -3.65 -4.69 -0.76
C SER A 327 -2.27 -4.33 -0.25
N GLU A 328 -2.03 -4.54 1.04
CA GLU A 328 -0.73 -4.27 1.64
C GLU A 328 -0.23 -5.65 2.08
N ALA A 329 0.42 -6.35 1.16
CA ALA A 329 0.96 -7.68 1.44
C ALA A 329 2.46 -7.68 1.16
N ILE A 330 3.24 -7.54 2.23
CA ILE A 330 4.70 -7.53 2.13
C ILE A 330 5.14 -8.96 2.42
N VAL A 331 4.97 -9.82 1.42
CA VAL A 331 5.27 -11.24 1.53
C VAL A 331 5.94 -11.77 0.27
N HIS A 332 6.10 -13.09 0.19
CA HIS A 332 6.74 -13.73 -0.96
C HIS A 332 5.98 -13.30 -2.22
N PRO A 333 6.72 -13.02 -3.31
CA PRO A 333 6.10 -12.61 -4.57
C PRO A 333 4.97 -13.51 -5.05
N ASP A 334 5.09 -14.82 -4.83
CA ASP A 334 4.05 -15.74 -5.27
C ASP A 334 2.75 -15.47 -4.52
N GLN A 335 2.87 -14.97 -3.29
CA GLN A 335 1.71 -14.69 -2.47
C GLN A 335 1.18 -13.26 -2.65
N VAL A 336 2.06 -12.33 -2.95
CA VAL A 336 1.67 -10.94 -3.15
C VAL A 336 0.61 -10.79 -4.22
N VAL A 337 0.85 -11.41 -5.36
CA VAL A 337 -0.06 -11.29 -6.49
C VAL A 337 -1.42 -11.93 -6.31
N GLN A 338 -1.53 -12.88 -5.38
CA GLN A 338 -2.79 -13.56 -5.16
C GLN A 338 -3.88 -12.68 -4.51
N TYR A 339 -3.48 -11.53 -3.98
CA TYR A 339 -4.45 -10.63 -3.37
C TYR A 339 -5.01 -9.66 -4.39
N ILE A 340 -4.35 -9.59 -5.55
CA ILE A 340 -4.75 -8.66 -6.59
C ILE A 340 -5.73 -9.24 -7.60
N GLY A 341 -6.89 -8.61 -7.69
CA GLY A 341 -7.93 -9.04 -8.61
C GLY A 341 -9.12 -8.10 -8.55
N GLN A 342 -9.88 -8.04 -9.64
CA GLN A 342 -11.03 -7.16 -9.66
C GLN A 342 -12.00 -7.46 -8.53
N ASP A 343 -12.16 -8.74 -8.19
CA ASP A 343 -13.07 -9.13 -7.12
C ASP A 343 -12.43 -9.24 -5.72
N GLU A 344 -11.15 -8.86 -5.59
CA GLU A 344 -10.46 -8.90 -4.30
C GLU A 344 -9.90 -7.49 -4.08
N CYS A 345 -8.59 -7.31 -4.23
CA CYS A 345 -8.01 -5.97 -4.11
C CYS A 345 -7.64 -5.54 -5.53
N GLN A 346 -8.29 -4.49 -6.04
CA GLN A 346 -8.05 -4.04 -7.40
C GLN A 346 -6.62 -3.54 -7.63
N ILE A 347 -6.00 -3.03 -6.56
CA ILE A 347 -4.61 -2.58 -6.66
C ILE A 347 -3.85 -3.11 -5.46
N GLY A 348 -2.52 -3.13 -5.54
CA GLY A 348 -1.76 -3.61 -4.41
C GLY A 348 -0.32 -3.16 -4.48
N TYR A 349 0.30 -2.95 -3.34
CA TYR A 349 1.71 -2.53 -3.31
C TYR A 349 2.54 -3.58 -4.04
N ASN A 350 3.61 -3.10 -4.66
CA ASN A 350 4.53 -3.96 -5.43
C ASN A 350 5.86 -3.94 -4.70
N PRO A 351 5.95 -4.62 -3.54
CA PRO A 351 7.22 -4.64 -2.79
C PRO A 351 8.40 -5.25 -3.54
N LEU A 352 8.12 -6.16 -4.46
CA LEU A 352 9.21 -6.79 -5.20
C LEU A 352 9.95 -5.75 -6.04
N GLN A 353 9.23 -4.95 -6.82
CA GLN A 353 9.92 -3.95 -7.63
C GLN A 353 10.69 -2.98 -6.74
N MET A 354 10.03 -2.55 -5.66
CA MET A 354 10.63 -1.62 -4.72
C MET A 354 11.92 -2.17 -4.13
N ALA A 355 11.86 -3.37 -3.58
CA ALA A 355 13.05 -3.96 -2.97
C ALA A 355 14.16 -4.14 -4.00
N LEU A 356 13.79 -4.53 -5.21
CA LEU A 356 14.81 -4.74 -6.23
C LEU A 356 15.40 -3.45 -6.77
N LEU A 357 14.69 -2.33 -6.64
CA LEU A 357 15.27 -1.07 -7.09
C LEU A 357 16.47 -0.80 -6.20
N TRP A 358 16.29 -1.01 -4.90
CA TRP A 358 17.38 -0.77 -3.97
C TRP A 358 18.47 -1.81 -4.11
N ASN A 359 18.07 -3.06 -4.36
CA ASN A 359 19.05 -4.12 -4.55
C ASN A 359 19.98 -3.74 -5.70
N THR A 360 19.38 -3.25 -6.79
CA THR A 360 20.16 -2.91 -7.97
C THR A 360 21.10 -1.73 -7.75
N LEU A 361 20.72 -0.78 -6.91
CA LEU A 361 21.63 0.35 -6.66
C LEU A 361 22.86 -0.18 -5.93
N ALA A 362 22.64 -1.14 -5.04
CA ALA A 362 23.74 -1.70 -4.26
C ALA A 362 24.68 -2.56 -5.10
N THR A 363 24.11 -3.48 -5.87
CA THR A 363 24.91 -4.40 -6.68
C THR A 363 25.34 -3.87 -8.05
N ARG A 364 24.64 -2.85 -8.53
CA ARG A 364 24.88 -2.25 -9.84
C ARG A 364 24.47 -3.21 -10.96
N GLU A 365 23.90 -4.34 -10.58
CA GLU A 365 23.48 -5.34 -11.56
C GLU A 365 21.96 -5.49 -11.60
N VAL A 366 21.41 -5.31 -12.79
CA VAL A 366 19.96 -5.38 -12.97
C VAL A 366 19.35 -6.77 -13.12
N ASN A 367 20.17 -7.81 -13.02
CA ASN A 367 19.65 -9.17 -13.18
C ASN A 367 18.33 -9.50 -12.47
N LEU A 368 18.28 -9.28 -11.17
CA LEU A 368 17.07 -9.58 -10.39
C LEU A 368 15.90 -8.70 -10.81
N LEU A 369 16.17 -7.43 -11.03
CA LEU A 369 15.13 -6.49 -11.44
C LEU A 369 14.56 -6.90 -12.81
N HIS A 370 15.44 -7.19 -13.75
CA HIS A 370 15.00 -7.58 -15.09
C HIS A 370 14.13 -8.83 -15.02
N GLN A 371 14.53 -9.77 -14.17
CA GLN A 371 13.78 -11.01 -13.99
C GLN A 371 12.37 -10.71 -13.51
N ALA A 372 12.26 -9.84 -12.51
CA ALA A 372 10.95 -9.48 -11.95
C ALA A 372 10.07 -8.76 -12.95
N LEU A 373 10.63 -7.81 -13.70
CA LEU A 373 9.86 -7.06 -14.68
C LEU A 373 9.43 -7.95 -15.84
N THR A 374 10.19 -9.02 -16.08
CA THR A 374 9.89 -9.94 -17.17
C THR A 374 8.84 -10.98 -16.83
N TYR A 375 8.90 -11.51 -15.62
CA TYR A 375 7.99 -12.58 -15.22
C TYR A 375 6.95 -12.30 -14.16
N ARG A 376 7.08 -11.18 -13.45
CA ARG A 376 6.15 -10.87 -12.36
C ARG A 376 5.50 -9.49 -12.41
N HIS A 377 5.58 -8.80 -13.54
CA HIS A 377 4.99 -7.47 -13.63
C HIS A 377 3.56 -7.40 -14.15
N ASN A 378 3.28 -8.07 -15.26
CA ASN A 378 1.94 -8.00 -15.82
C ASN A 378 0.88 -8.63 -14.93
N LEU A 379 -0.25 -7.95 -14.81
CA LEU A 379 -1.36 -8.38 -13.96
C LEU A 379 -2.65 -8.62 -14.75
N PRO A 380 -3.65 -9.26 -14.10
CA PRO A 380 -4.93 -9.52 -14.77
C PRO A 380 -5.62 -8.23 -15.12
N GLU A 381 -6.60 -8.28 -16.02
CA GLU A 381 -7.30 -7.08 -16.40
C GLU A 381 -7.98 -6.40 -15.21
N HIS A 382 -8.12 -5.09 -15.30
CA HIS A 382 -8.78 -4.30 -14.27
C HIS A 382 -8.08 -4.28 -12.92
N THR A 383 -6.76 -4.48 -12.91
CA THR A 383 -5.99 -4.44 -11.67
C THR A 383 -4.69 -3.72 -11.95
N ALA A 384 -4.02 -3.27 -10.90
CA ALA A 384 -2.77 -2.54 -11.06
C ALA A 384 -1.88 -2.59 -9.84
N TRP A 385 -0.60 -2.33 -10.04
CA TRP A 385 0.36 -2.29 -8.96
C TRP A 385 0.43 -0.87 -8.45
N VAL A 386 0.84 -0.72 -7.20
CA VAL A 386 1.09 0.59 -6.64
C VAL A 386 2.60 0.51 -6.54
N ASN A 387 3.29 1.26 -7.39
CA ASN A 387 4.76 1.24 -7.42
C ASN A 387 5.32 2.34 -6.54
N TYR A 388 6.30 1.99 -5.71
CA TYR A 388 6.88 2.97 -4.81
C TYR A 388 8.39 2.78 -4.61
N VAL A 389 9.03 3.82 -4.06
CA VAL A 389 10.46 3.82 -3.81
C VAL A 389 10.67 3.68 -2.29
N ARG A 390 9.88 4.40 -1.51
CA ARG A 390 9.94 4.30 -0.05
C ARG A 390 8.54 4.44 0.52
N SER A 391 8.41 4.08 1.79
CA SER A 391 7.12 4.19 2.48
C SER A 391 7.44 4.54 3.93
N HIS A 392 6.42 4.54 4.78
CA HIS A 392 6.61 4.84 6.19
C HIS A 392 7.23 3.63 6.87
N ASP A 393 7.28 2.51 6.17
CA ASP A 393 7.87 1.29 6.72
C ASP A 393 9.29 1.03 6.27
N ASP A 394 9.89 0.05 6.94
CA ASP A 394 11.24 -0.41 6.67
C ASP A 394 11.26 -1.10 5.30
N ILE A 395 12.45 -1.31 4.77
CA ILE A 395 12.61 -2.02 3.51
C ILE A 395 12.92 -3.48 3.85
N GLY A 396 12.13 -4.39 3.31
CA GLY A 396 12.36 -5.80 3.53
C GLY A 396 12.81 -6.37 2.20
N TRP A 397 13.73 -7.33 2.21
CA TRP A 397 14.23 -7.90 0.97
C TRP A 397 13.36 -9.07 0.53
N THR A 398 12.11 -8.77 0.18
CA THR A 398 11.17 -9.80 -0.20
C THR A 398 11.22 -10.32 -1.63
N PHE A 399 12.42 -10.59 -2.14
CA PHE A 399 12.52 -11.17 -3.47
C PHE A 399 12.42 -12.67 -3.21
N ALA A 400 12.16 -13.47 -4.25
CA ALA A 400 12.03 -14.91 -4.05
C ALA A 400 13.35 -15.66 -4.12
N ASP A 401 13.61 -16.51 -3.11
CA ASP A 401 14.84 -17.28 -3.09
C ASP A 401 14.91 -18.20 -4.31
N GLU A 402 13.75 -18.70 -4.73
CA GLU A 402 13.69 -19.58 -5.89
C GLU A 402 14.11 -18.84 -7.14
N ASP A 403 13.67 -17.59 -7.27
CA ASP A 403 14.01 -16.76 -8.42
C ASP A 403 15.50 -16.49 -8.41
N ALA A 404 16.01 -16.11 -7.24
CA ALA A 404 17.42 -15.80 -7.08
C ALA A 404 18.30 -17.01 -7.38
N ALA A 405 17.90 -18.19 -6.94
CA ALA A 405 18.69 -19.40 -7.17
C ALA A 405 18.86 -19.69 -8.65
N TYR A 406 17.86 -19.31 -9.44
CA TYR A 406 17.92 -19.53 -10.88
C TYR A 406 19.03 -18.67 -11.48
N LEU A 407 19.36 -17.58 -10.80
CA LEU A 407 20.41 -16.67 -11.25
C LEU A 407 21.74 -16.96 -10.58
N GLY A 408 21.77 -18.03 -9.78
CA GLY A 408 22.99 -18.41 -9.10
C GLY A 408 23.26 -17.53 -7.90
N ILE A 409 22.17 -17.00 -7.33
CA ILE A 409 22.27 -16.13 -6.18
C ILE A 409 21.68 -16.78 -4.93
N SER A 410 22.44 -16.77 -3.84
CA SER A 410 22.01 -17.33 -2.57
C SER A 410 21.23 -16.25 -1.82
N GLY A 411 19.93 -16.48 -1.65
CA GLY A 411 19.09 -15.51 -0.98
C GLY A 411 19.61 -15.09 0.39
N TYR A 412 19.97 -16.05 1.23
CA TYR A 412 20.45 -15.73 2.57
C TYR A 412 21.71 -14.88 2.57
N ASP A 413 22.73 -15.31 1.82
CA ASP A 413 23.98 -14.56 1.78
C ASP A 413 23.76 -13.18 1.15
N HIS A 414 22.88 -13.14 0.15
CA HIS A 414 22.61 -11.88 -0.53
C HIS A 414 21.94 -10.87 0.40
N ARG A 415 20.98 -11.32 1.20
CA ARG A 415 20.33 -10.40 2.11
C ARG A 415 21.32 -9.91 3.15
N GLN A 416 22.27 -10.77 3.53
CA GLN A 416 23.26 -10.37 4.51
C GLN A 416 24.02 -9.18 3.94
N PHE A 417 24.39 -9.29 2.66
CA PHE A 417 25.11 -8.21 1.99
C PHE A 417 24.27 -6.94 1.91
N LEU A 418 23.05 -7.07 1.41
CA LEU A 418 22.17 -5.90 1.27
C LEU A 418 21.99 -5.17 2.59
N ASN A 419 21.80 -5.93 3.67
CA ASN A 419 21.61 -5.32 4.98
C ASN A 419 22.87 -4.58 5.43
N ARG A 420 24.03 -5.20 5.25
CA ARG A 420 25.28 -4.55 5.64
C ARG A 420 25.50 -3.28 4.81
N PHE A 421 25.24 -3.37 3.51
CA PHE A 421 25.43 -2.25 2.61
C PHE A 421 24.58 -1.04 2.98
N PHE A 422 23.29 -1.26 3.18
CA PHE A 422 22.41 -0.13 3.47
C PHE A 422 22.48 0.48 4.85
N VAL A 423 23.18 -0.16 5.77
CA VAL A 423 23.32 0.42 7.11
C VAL A 423 24.76 0.89 7.29
N ASN A 424 25.46 1.03 6.16
CA ASN A 424 26.83 1.51 6.14
C ASN A 424 27.83 0.65 6.91
N ARG A 425 27.75 -0.66 6.71
CA ARG A 425 28.66 -1.61 7.35
C ARG A 425 29.29 -2.45 6.24
N PHE A 426 29.54 -1.81 5.11
CA PHE A 426 30.17 -2.43 3.96
C PHE A 426 31.07 -1.38 3.30
N ASP A 427 32.34 -1.73 3.10
CA ASP A 427 33.30 -0.81 2.52
C ASP A 427 32.85 -0.05 1.28
N GLY A 428 32.90 1.27 1.36
CA GLY A 428 32.54 2.12 0.24
C GLY A 428 31.08 2.39 0.02
N SER A 429 30.21 1.82 0.83
CA SER A 429 28.78 2.03 0.65
C SER A 429 28.41 3.51 0.72
N PHE A 430 27.44 3.91 -0.08
CA PHE A 430 26.98 5.30 -0.08
C PHE A 430 25.73 5.46 0.78
N ALA A 431 25.19 4.33 1.25
CA ALA A 431 23.97 4.34 2.06
C ALA A 431 24.18 4.66 3.54
N ARG A 432 23.20 5.35 4.12
CA ARG A 432 23.26 5.73 5.53
C ARG A 432 21.95 5.39 6.22
N GLY A 433 21.58 4.12 6.16
CA GLY A 433 20.36 3.68 6.81
C GLY A 433 20.66 3.11 8.18
N VAL A 434 19.63 2.58 8.83
CA VAL A 434 19.77 1.99 10.16
C VAL A 434 19.01 0.68 10.19
N PRO A 435 19.53 -0.31 10.92
CA PRO A 435 18.85 -1.62 11.01
C PRO A 435 17.48 -1.58 11.66
N PHE A 436 16.63 -2.54 11.29
CA PHE A 436 15.30 -2.65 11.88
C PHE A 436 14.94 -4.11 12.09
N GLN A 437 14.71 -4.47 13.34
CA GLN A 437 14.34 -5.82 13.72
C GLN A 437 15.30 -6.92 13.33
N TYR A 438 16.58 -6.74 13.65
CA TYR A 438 17.54 -7.80 13.37
C TYR A 438 17.11 -8.96 14.25
N ASN A 439 16.95 -10.13 13.66
CA ASN A 439 16.53 -11.31 14.41
C ASN A 439 17.70 -12.29 14.49
N PRO A 440 18.41 -12.31 15.62
CA PRO A 440 19.56 -13.22 15.76
C PRO A 440 19.25 -14.71 15.60
N SER A 441 17.97 -15.08 15.74
CA SER A 441 17.63 -16.49 15.59
C SER A 441 17.47 -16.90 14.13
N THR A 442 17.20 -15.93 13.26
CA THR A 442 17.03 -16.20 11.84
C THR A 442 18.01 -15.44 10.95
N GLY A 443 18.66 -14.42 11.53
CA GLY A 443 19.61 -13.63 10.77
C GLY A 443 18.93 -12.61 9.87
N ASP A 444 17.61 -12.57 9.90
CA ASP A 444 16.86 -11.63 9.09
C ASP A 444 16.95 -10.22 9.66
N CYS A 445 16.87 -9.23 8.78
CA CYS A 445 16.93 -7.83 9.19
C CYS A 445 16.35 -6.97 8.07
N ARG A 446 15.80 -5.83 8.45
CA ARG A 446 15.24 -4.89 7.48
C ARG A 446 15.96 -3.56 7.65
N VAL A 447 15.70 -2.63 6.73
CA VAL A 447 16.38 -1.34 6.75
C VAL A 447 15.47 -0.12 6.87
N SER A 448 15.87 0.82 7.73
CA SER A 448 15.12 2.06 7.90
C SER A 448 15.99 3.18 7.33
N GLY A 449 15.35 4.27 6.92
CA GLY A 449 16.08 5.39 6.36
C GLY A 449 15.33 5.99 5.19
N THR A 450 15.44 7.30 5.00
CA THR A 450 14.74 7.94 3.89
C THR A 450 15.44 7.64 2.57
N ALA A 451 14.74 7.87 1.46
CA ALA A 451 15.33 7.63 0.16
C ALA A 451 16.64 8.42 0.01
N ALA A 452 16.62 9.68 0.43
CA ALA A 452 17.82 10.53 0.35
C ALA A 452 18.97 9.99 1.18
N ALA A 453 18.66 9.46 2.36
CA ALA A 453 19.68 8.92 3.23
C ALA A 453 20.31 7.67 2.61
N LEU A 454 19.49 6.86 1.95
CA LEU A 454 19.98 5.62 1.37
C LEU A 454 20.80 5.78 0.10
N VAL A 455 20.65 6.91 -0.60
CA VAL A 455 21.40 7.14 -1.84
C VAL A 455 22.66 7.99 -1.62
N GLY A 456 22.85 8.47 -0.40
CA GLY A 456 24.03 9.24 -0.06
C GLY A 456 23.90 10.75 -0.01
N LEU A 457 22.68 11.27 0.02
CA LEU A 457 22.51 12.73 0.05
C LEU A 457 22.99 13.34 1.38
N ALA A 458 22.97 12.56 2.44
CA ALA A 458 23.38 13.05 3.75
C ALA A 458 24.82 13.55 3.77
N GLN A 459 25.69 12.87 3.01
CA GLN A 459 27.09 13.25 2.95
C GLN A 459 27.41 13.98 1.64
N ASP A 460 26.37 14.36 0.92
CA ASP A 460 26.52 15.09 -0.33
C ASP A 460 27.21 14.30 -1.44
N ASP A 461 26.86 13.02 -1.57
CA ASP A 461 27.44 12.18 -2.61
C ASP A 461 27.00 12.82 -3.93
N PRO A 462 27.95 13.12 -4.82
CA PRO A 462 27.61 13.74 -6.11
C PRO A 462 26.61 12.96 -6.97
N HIS A 463 26.44 11.68 -6.68
CA HIS A 463 25.50 10.85 -7.45
C HIS A 463 24.13 10.68 -6.77
N ALA A 464 23.99 11.20 -5.55
CA ALA A 464 22.73 11.05 -4.81
C ALA A 464 21.49 11.54 -5.54
N VAL A 465 21.51 12.80 -5.99
CA VAL A 465 20.37 13.36 -6.70
C VAL A 465 19.99 12.50 -7.90
N ASP A 466 20.98 12.06 -8.67
CA ASP A 466 20.69 11.24 -9.84
C ASP A 466 20.13 9.87 -9.50
N ARG A 467 20.54 9.31 -8.36
CA ARG A 467 20.03 8.00 -7.94
C ARG A 467 18.54 8.13 -7.62
N ILE A 468 18.18 9.22 -6.94
CA ILE A 468 16.79 9.45 -6.60
C ILE A 468 15.95 9.57 -7.88
N LYS A 469 16.47 10.31 -8.86
CA LYS A 469 15.76 10.48 -10.12
C LYS A 469 15.55 9.15 -10.83
N LEU A 470 16.58 8.31 -10.81
CA LEU A 470 16.50 7.00 -11.46
C LEU A 470 15.45 6.09 -10.82
N LEU A 471 15.49 5.98 -9.49
CA LEU A 471 14.52 5.13 -8.80
C LEU A 471 13.08 5.58 -9.07
N TYR A 472 12.81 6.86 -8.89
CA TYR A 472 11.46 7.33 -9.15
C TYR A 472 11.04 7.21 -10.62
N SER A 473 12.00 7.29 -11.55
CA SER A 473 11.64 7.17 -12.96
C SER A 473 11.04 5.79 -13.23
N ILE A 474 11.58 4.77 -12.57
CA ILE A 474 11.08 3.42 -12.78
C ILE A 474 9.69 3.21 -12.18
N ALA A 475 9.45 3.75 -11.00
CA ALA A 475 8.12 3.60 -10.39
C ALA A 475 7.09 4.37 -11.20
N LEU A 476 7.52 5.45 -11.84
CA LEU A 476 6.62 6.28 -12.62
C LEU A 476 6.36 5.79 -14.03
N SER A 477 7.19 4.88 -14.53
CA SER A 477 7.02 4.44 -15.91
C SER A 477 6.79 2.97 -16.21
N THR A 478 6.93 2.10 -15.21
CA THR A 478 6.75 0.68 -15.48
C THR A 478 5.30 0.24 -15.73
N GLY A 479 4.35 1.00 -15.21
CA GLY A 479 2.95 0.66 -15.39
C GLY A 479 2.36 0.31 -14.05
N GLY A 480 1.43 1.14 -13.60
CA GLY A 480 0.81 0.97 -12.30
C GLY A 480 0.73 2.35 -11.67
N LEU A 481 0.10 2.46 -10.52
CA LEU A 481 -0.04 3.75 -9.85
C LEU A 481 1.17 4.05 -8.99
N PRO A 482 1.96 5.08 -9.37
CA PRO A 482 3.15 5.44 -8.59
C PRO A 482 2.76 6.24 -7.35
N LEU A 483 3.44 5.93 -6.24
CA LEU A 483 3.17 6.60 -4.97
C LEU A 483 4.45 7.26 -4.48
N ILE A 484 4.38 8.58 -4.29
CA ILE A 484 5.51 9.35 -3.81
C ILE A 484 5.45 9.49 -2.31
N TYR A 485 6.54 9.19 -1.63
CA TYR A 485 6.57 9.34 -0.18
C TYR A 485 6.87 10.83 -0.06
N LEU A 486 5.88 11.60 0.33
CA LEU A 486 6.04 13.04 0.43
C LEU A 486 7.21 13.41 1.33
N GLY A 487 8.09 14.23 0.76
CA GLY A 487 9.30 14.64 1.45
C GLY A 487 10.46 14.21 0.58
N ASP A 488 10.26 13.13 -0.17
CA ASP A 488 11.29 12.62 -1.06
C ASP A 488 11.58 13.57 -2.21
N GLU A 489 10.56 14.31 -2.64
CA GLU A 489 10.70 15.22 -3.77
C GLU A 489 11.61 16.44 -3.54
N VAL A 490 12.04 16.65 -2.30
CA VAL A 490 12.96 17.74 -1.98
C VAL A 490 14.19 17.20 -1.24
N GLY A 491 14.35 15.88 -1.29
CA GLY A 491 15.48 15.21 -0.66
C GLY A 491 15.56 15.24 0.85
N THR A 492 14.44 15.03 1.53
CA THR A 492 14.42 15.05 2.99
C THR A 492 15.26 13.93 3.61
N LEU A 493 16.08 14.29 4.59
CA LEU A 493 16.95 13.33 5.27
C LEU A 493 16.31 12.71 6.51
N ASN A 494 17.02 11.77 7.14
CA ASN A 494 16.48 11.13 8.34
C ASN A 494 16.22 12.11 9.48
N ASP A 495 15.32 11.70 10.36
CA ASP A 495 14.98 12.48 11.55
C ASP A 495 16.10 12.14 12.55
N ASP A 496 16.67 13.14 13.22
CA ASP A 496 17.72 12.81 14.16
C ASP A 496 17.35 13.06 15.62
N ASP A 497 16.06 12.92 15.93
CA ASP A 497 15.56 13.10 17.28
C ASP A 497 14.95 11.79 17.77
N TRP A 498 14.46 10.97 16.82
CA TRP A 498 13.81 9.71 17.16
C TRP A 498 14.58 8.79 18.13
N SER A 499 15.89 8.67 17.94
CA SER A 499 16.70 7.79 18.78
C SER A 499 16.65 8.11 20.27
N GLN A 500 16.47 9.38 20.61
CA GLN A 500 16.44 9.78 22.02
C GLN A 500 15.02 9.98 22.56
N ASP A 501 14.03 9.77 21.70
CA ASP A 501 12.63 9.90 22.08
C ASP A 501 12.24 8.53 22.66
N SER A 502 11.96 8.49 23.96
CA SER A 502 11.61 7.22 24.61
C SER A 502 10.42 6.48 24.00
N ASN A 503 9.53 7.21 23.33
CA ASN A 503 8.36 6.59 22.71
C ASN A 503 8.67 6.08 21.31
N LYS A 504 9.86 6.39 20.82
CA LYS A 504 10.26 5.99 19.47
C LYS A 504 11.60 5.25 19.42
N SER A 505 12.38 5.35 20.49
CA SER A 505 13.70 4.74 20.52
C SER A 505 13.81 3.27 20.15
N ASP A 506 12.73 2.50 20.31
CA ASP A 506 12.78 1.08 19.99
C ASP A 506 12.17 0.72 18.64
N ASP A 507 11.95 1.73 17.80
CA ASP A 507 11.35 1.53 16.47
C ASP A 507 12.09 2.45 15.50
N SER A 508 13.16 1.94 14.87
CA SER A 508 13.97 2.75 13.96
C SER A 508 13.23 3.27 12.72
N ARG A 509 12.01 2.82 12.51
CA ARG A 509 11.27 3.30 11.36
C ARG A 509 11.08 4.82 11.48
N TRP A 510 11.10 5.33 12.70
CA TRP A 510 10.92 6.77 12.89
C TRP A 510 12.07 7.56 12.26
N ALA A 511 13.19 6.88 12.00
CA ALA A 511 14.32 7.54 11.36
C ALA A 511 13.89 8.10 10.01
N HIS A 512 12.97 7.43 9.32
CA HIS A 512 12.52 7.90 8.01
C HIS A 512 11.12 8.47 7.99
N ARG A 513 10.71 9.02 9.13
CA ARG A 513 9.40 9.66 9.25
C ARG A 513 9.64 11.07 9.75
N PRO A 514 10.47 11.85 9.02
CA PRO A 514 10.75 13.23 9.43
C PRO A 514 9.59 14.17 9.22
N ARG A 515 9.67 15.34 9.83
CA ARG A 515 8.62 16.35 9.69
C ARG A 515 8.87 17.15 8.42
N TYR A 516 7.88 17.93 8.01
CA TYR A 516 7.98 18.78 6.83
C TYR A 516 9.21 19.66 7.03
N ASN A 517 10.16 19.62 6.09
CA ASN A 517 11.36 20.43 6.21
C ASN A 517 11.13 21.76 5.49
N GLU A 518 10.79 22.79 6.26
CA GLU A 518 10.54 24.12 5.71
C GLU A 518 11.68 24.61 4.82
N ALA A 519 12.91 24.41 5.27
CA ALA A 519 14.08 24.86 4.53
C ALA A 519 14.24 24.24 3.14
N LEU A 520 14.00 22.93 3.03
CA LEU A 520 14.12 22.25 1.75
C LEU A 520 12.97 22.60 0.79
N TYR A 521 11.76 22.69 1.34
CA TYR A 521 10.62 23.03 0.49
C TYR A 521 10.74 24.43 -0.07
N ALA A 522 11.41 25.33 0.66
CA ALA A 522 11.59 26.69 0.18
C ALA A 522 12.66 26.75 -0.90
N GLN A 523 13.37 25.65 -1.10
CA GLN A 523 14.42 25.58 -2.11
C GLN A 523 14.02 24.78 -3.34
N ARG A 524 12.76 24.35 -3.40
CA ARG A 524 12.33 23.53 -4.54
C ARG A 524 12.33 24.17 -5.92
N ASN A 525 12.44 25.49 -5.98
CA ASN A 525 12.47 26.15 -7.28
C ASN A 525 13.86 26.66 -7.62
N ASP A 526 14.83 26.35 -6.75
CA ASP A 526 16.22 26.77 -6.98
C ASP A 526 17.03 25.61 -7.55
N PRO A 527 17.31 25.65 -8.86
CA PRO A 527 18.07 24.62 -9.58
C PRO A 527 19.51 24.38 -9.10
N SER A 528 20.01 25.25 -8.25
CA SER A 528 21.37 25.11 -7.73
C SER A 528 21.41 24.32 -6.42
N THR A 529 20.24 23.93 -5.92
CA THR A 529 20.18 23.16 -4.69
C THR A 529 19.72 21.75 -4.99
N ALA A 530 20.04 20.82 -4.09
CA ALA A 530 19.63 19.44 -4.27
C ALA A 530 18.10 19.37 -4.25
N ALA A 531 17.49 20.14 -3.36
CA ALA A 531 16.03 20.14 -3.27
C ALA A 531 15.40 20.55 -4.59
N GLY A 532 15.92 21.62 -5.19
CA GLY A 532 15.37 22.09 -6.44
C GLY A 532 15.65 21.15 -7.59
N GLN A 533 16.81 20.51 -7.56
CA GLN A 533 17.19 19.57 -8.60
C GLN A 533 16.28 18.35 -8.56
N ILE A 534 16.04 17.83 -7.36
CA ILE A 534 15.17 16.67 -7.20
C ILE A 534 13.73 17.02 -7.55
N TYR A 535 13.24 18.14 -7.02
CA TYR A 535 11.87 18.54 -7.28
C TYR A 535 11.56 18.75 -8.76
N GLN A 536 12.35 19.56 -9.44
CA GLN A 536 12.10 19.82 -10.84
C GLN A 536 12.24 18.53 -11.66
N ASP A 537 13.15 17.67 -11.25
CA ASP A 537 13.39 16.41 -11.97
C ASP A 537 12.15 15.50 -11.88
N LEU A 538 11.66 15.32 -10.65
CA LEU A 538 10.49 14.49 -10.43
C LEU A 538 9.24 15.13 -11.01
N ARG A 539 9.09 16.44 -10.83
CA ARG A 539 7.93 17.12 -11.36
C ARG A 539 7.87 16.98 -12.87
N HIS A 540 9.04 17.03 -13.51
CA HIS A 540 9.11 16.88 -14.95
C HIS A 540 8.63 15.49 -15.36
N MET A 541 9.13 14.46 -14.66
CA MET A 541 8.73 13.10 -14.99
C MET A 541 7.24 12.89 -14.78
N ILE A 542 6.70 13.47 -13.70
CA ILE A 542 5.28 13.36 -13.42
C ILE A 542 4.50 14.00 -14.57
N ALA A 543 4.94 15.18 -15.00
CA ALA A 543 4.28 15.89 -16.09
C ALA A 543 4.24 15.05 -17.36
N VAL A 544 5.38 14.45 -17.71
CA VAL A 544 5.48 13.62 -18.89
C VAL A 544 4.57 12.40 -18.79
N ARG A 545 4.64 11.71 -17.65
CA ARG A 545 3.82 10.53 -17.44
C ARG A 545 2.32 10.79 -17.63
N GLN A 546 1.84 11.87 -17.03
CA GLN A 546 0.42 12.20 -17.09
C GLN A 546 -0.08 12.75 -18.40
N SER A 547 0.81 13.32 -19.20
CA SER A 547 0.41 13.93 -20.46
C SER A 547 0.65 13.04 -21.68
N ASN A 548 1.51 12.04 -21.52
CA ASN A 548 1.88 11.15 -22.62
C ASN A 548 1.15 9.80 -22.58
N PRO A 549 0.30 9.52 -23.58
CA PRO A 549 -0.45 8.25 -23.64
C PRO A 549 0.39 6.98 -23.71
N ARG A 550 1.67 7.12 -24.05
CA ARG A 550 2.53 5.94 -24.15
C ARG A 550 2.78 5.27 -22.80
N PHE A 551 2.43 5.97 -21.72
CA PHE A 551 2.62 5.43 -20.37
C PHE A 551 1.35 4.79 -19.82
N ASP A 552 0.25 4.93 -20.55
CA ASP A 552 -1.05 4.41 -20.10
C ASP A 552 -1.05 2.91 -19.89
N GLY A 553 -1.83 2.46 -18.90
CA GLY A 553 -1.92 1.03 -18.64
C GLY A 553 -0.83 0.51 -17.73
N GLY A 554 -0.85 -0.79 -17.48
CA GLY A 554 0.14 -1.37 -16.59
C GLY A 554 1.02 -2.47 -17.16
N ARG A 555 0.85 -2.79 -18.44
CA ARG A 555 1.64 -3.85 -19.06
C ARG A 555 2.99 -3.36 -19.58
N LEU A 556 3.97 -4.25 -19.60
CA LEU A 556 5.28 -3.91 -20.13
C LEU A 556 5.97 -5.14 -20.67
N VAL A 557 6.94 -4.91 -21.54
CA VAL A 557 7.75 -5.98 -22.12
C VAL A 557 9.18 -5.55 -21.89
N THR A 558 10.00 -6.42 -21.30
CA THR A 558 11.40 -6.04 -21.08
C THR A 558 12.21 -6.10 -22.37
N PHE A 559 13.31 -5.37 -22.40
CA PHE A 559 14.19 -5.31 -23.56
C PHE A 559 15.56 -5.76 -23.10
N ASN A 560 16.17 -6.70 -23.81
CA ASN A 560 17.49 -7.17 -23.42
C ASN A 560 18.53 -6.15 -23.90
N THR A 561 19.13 -5.44 -22.95
CA THR A 561 20.12 -4.39 -23.24
C THR A 561 21.52 -4.91 -23.50
N ASN A 562 21.77 -6.13 -23.06
CA ASN A 562 23.08 -6.76 -23.22
C ASN A 562 24.15 -6.04 -22.41
N ASN A 563 23.71 -5.26 -21.43
CA ASN A 563 24.63 -4.57 -20.51
C ASN A 563 24.05 -4.86 -19.13
N LYS A 564 24.80 -5.61 -18.33
CA LYS A 564 24.34 -6.02 -17.00
C LYS A 564 24.01 -4.90 -16.03
N HIS A 565 24.37 -3.66 -16.39
CA HIS A 565 24.12 -2.51 -15.54
C HIS A 565 22.94 -1.67 -16.00
N ILE A 566 22.39 -1.98 -17.16
CA ILE A 566 21.30 -1.19 -17.73
C ILE A 566 19.99 -1.93 -17.86
N ILE A 567 18.95 -1.41 -17.22
CA ILE A 567 17.62 -2.02 -17.30
C ILE A 567 16.93 -1.41 -18.53
N GLY A 568 16.10 -2.20 -19.18
CA GLY A 568 15.38 -1.71 -20.34
C GLY A 568 14.03 -2.36 -20.46
N TYR A 569 13.01 -1.57 -20.81
CA TYR A 569 11.67 -2.11 -20.99
C TYR A 569 10.89 -1.20 -21.92
N ILE A 570 9.83 -1.75 -22.51
CA ILE A 570 9.02 -1.01 -23.45
C ILE A 570 7.56 -0.94 -23.01
N ARG A 571 6.98 0.24 -23.15
CA ARG A 571 5.58 0.46 -22.78
C ARG A 571 4.76 0.69 -24.04
N ASN A 572 3.66 -0.03 -24.19
CA ASN A 572 2.77 0.10 -25.34
C ASN A 572 3.46 0.06 -26.68
N ASN A 573 4.60 -0.64 -26.74
CA ASN A 573 5.38 -0.78 -27.97
C ASN A 573 5.66 0.60 -28.57
N ALA A 574 5.81 1.60 -27.70
CA ALA A 574 6.05 2.97 -28.18
C ALA A 574 7.03 3.76 -27.32
N LEU A 575 7.30 3.29 -26.12
CA LEU A 575 8.22 4.00 -25.23
C LEU A 575 9.28 3.03 -24.73
N LEU A 576 10.52 3.29 -25.09
CA LEU A 576 11.65 2.45 -24.67
C LEU A 576 12.39 3.16 -23.55
N ALA A 577 12.40 2.54 -22.36
CA ALA A 577 13.07 3.13 -21.22
C ALA A 577 14.37 2.40 -20.90
N PHE A 578 15.43 3.17 -20.67
CA PHE A 578 16.73 2.61 -20.29
C PHE A 578 17.11 3.28 -19.00
N GLY A 579 17.67 2.50 -18.08
CA GLY A 579 18.11 3.04 -16.81
C GLY A 579 19.47 2.48 -16.44
N ASN A 580 20.46 3.36 -16.26
CA ASN A 580 21.81 2.93 -15.93
C ASN A 580 22.01 2.92 -14.42
N PHE A 581 22.22 1.73 -13.84
CA PHE A 581 22.41 1.61 -12.40
C PHE A 581 23.86 1.62 -11.95
N SER A 582 24.75 1.97 -12.87
CA SER A 582 26.18 2.05 -12.58
C SER A 582 26.57 3.51 -12.34
N GLU A 583 27.57 3.72 -11.48
CA GLU A 583 28.06 5.08 -11.22
C GLU A 583 29.08 5.46 -12.29
N TYR A 584 29.21 4.60 -13.30
CA TYR A 584 30.12 4.83 -14.43
C TYR A 584 29.33 4.82 -15.73
N PRO A 585 29.86 5.45 -16.79
CA PRO A 585 29.12 5.45 -18.06
C PRO A 585 28.93 4.00 -18.54
N GLN A 586 27.79 3.72 -19.15
CA GLN A 586 27.52 2.37 -19.65
C GLN A 586 26.88 2.45 -21.04
N THR A 587 27.24 1.51 -21.90
CA THR A 587 26.76 1.51 -23.27
C THR A 587 25.84 0.37 -23.70
N VAL A 588 24.90 0.72 -24.58
CA VAL A 588 24.00 -0.24 -25.21
C VAL A 588 24.55 -0.14 -26.64
N THR A 589 25.03 -1.25 -27.17
CA THR A 589 25.64 -1.25 -28.50
C THR A 589 24.71 -1.03 -29.67
N ALA A 590 25.31 -0.58 -30.77
CA ALA A 590 24.56 -0.36 -32.00
C ALA A 590 23.97 -1.70 -32.41
N HIS A 591 24.73 -2.77 -32.18
CA HIS A 591 24.26 -4.10 -32.54
C HIS A 591 22.95 -4.41 -31.81
N THR A 592 22.87 -4.08 -30.53
CA THR A 592 21.67 -4.35 -29.74
C THR A 592 20.47 -3.53 -30.21
N LEU A 593 20.75 -2.35 -30.73
CA LEU A 593 19.72 -1.42 -31.17
C LEU A 593 19.31 -1.47 -32.63
N GLN A 594 19.81 -2.47 -33.37
CA GLN A 594 19.51 -2.57 -34.80
C GLN A 594 18.05 -2.56 -35.23
N ALA A 595 17.14 -3.08 -34.41
CA ALA A 595 15.73 -3.12 -34.79
C ALA A 595 14.96 -1.84 -34.49
N MET A 596 15.60 -0.94 -33.76
CA MET A 596 14.98 0.32 -33.37
C MET A 596 15.03 1.40 -34.45
N PRO A 597 14.14 2.41 -34.36
CA PRO A 597 14.12 3.49 -35.34
C PRO A 597 15.48 4.18 -35.31
N PHE A 598 15.89 4.76 -36.42
CA PHE A 598 17.19 5.43 -36.48
C PHE A 598 17.34 6.56 -35.48
N LYS A 599 16.26 7.30 -35.25
CA LYS A 599 16.25 8.41 -34.32
C LYS A 599 15.08 8.21 -33.36
N ALA A 600 15.17 8.82 -32.19
CA ALA A 600 14.11 8.76 -31.20
C ALA A 600 14.29 9.90 -30.22
N HIS A 601 13.19 10.54 -29.85
CA HIS A 601 13.24 11.66 -28.91
C HIS A 601 13.25 11.15 -27.46
N ASP A 602 14.16 11.69 -26.66
CA ASP A 602 14.25 11.31 -25.25
C ASP A 602 13.44 12.33 -24.44
N LEU A 603 12.37 11.85 -23.81
CA LEU A 603 11.50 12.72 -23.03
C LEU A 603 12.16 13.25 -21.75
N ILE A 604 13.17 12.54 -21.26
CA ILE A 604 13.83 12.96 -20.03
C ILE A 604 14.70 14.19 -20.24
N GLY A 605 15.66 14.06 -21.15
CA GLY A 605 16.58 15.15 -21.44
C GLY A 605 16.10 16.09 -22.52
N GLY A 606 15.08 15.67 -23.27
CA GLY A 606 14.54 16.51 -24.33
C GLY A 606 15.33 16.59 -25.62
N LYS A 607 16.23 15.64 -25.85
CA LYS A 607 17.04 15.65 -27.06
C LYS A 607 16.77 14.46 -27.98
N THR A 608 17.15 14.59 -29.24
CA THR A 608 16.98 13.52 -30.21
C THR A 608 18.20 12.61 -30.11
N VAL A 609 17.97 11.31 -29.94
CA VAL A 609 19.04 10.34 -29.79
C VAL A 609 19.16 9.43 -31.00
N SER A 610 20.39 9.17 -31.45
CA SER A 610 20.61 8.29 -32.59
C SER A 610 20.72 6.86 -32.08
N LEU A 611 19.92 5.96 -32.66
CA LEU A 611 19.94 4.57 -32.24
C LEU A 611 20.64 3.66 -33.23
N ASN A 612 21.24 4.26 -34.26
CA ASN A 612 21.95 3.48 -35.27
C ASN A 612 23.45 3.48 -34.98
N GLN A 613 23.79 3.67 -33.71
CA GLN A 613 25.17 3.70 -33.24
C GLN A 613 25.14 3.40 -31.75
N ASP A 614 26.32 3.18 -31.16
CA ASP A 614 26.38 2.88 -29.73
C ASP A 614 25.72 4.01 -28.94
N LEU A 615 24.94 3.63 -27.92
CA LEU A 615 24.26 4.59 -27.07
C LEU A 615 24.89 4.52 -25.69
N THR A 616 25.56 5.61 -25.29
CA THR A 616 26.21 5.63 -24.00
C THR A 616 25.44 6.49 -23.00
N LEU A 617 25.12 5.89 -21.86
CA LEU A 617 24.39 6.58 -20.81
C LEU A 617 25.37 7.01 -19.71
N GLN A 618 25.20 8.23 -19.23
CA GLN A 618 26.05 8.74 -18.16
C GLN A 618 25.66 8.02 -16.88
N PRO A 619 26.47 8.13 -15.83
CA PRO A 619 26.15 7.46 -14.56
C PRO A 619 24.71 7.73 -14.12
N TYR A 620 23.96 6.67 -13.84
CA TYR A 620 22.57 6.78 -13.38
C TYR A 620 21.61 7.50 -14.31
N GLN A 621 22.01 7.70 -15.56
CA GLN A 621 21.13 8.38 -16.50
C GLN A 621 19.92 7.53 -16.88
N VAL A 622 18.80 8.20 -17.08
CA VAL A 622 17.57 7.52 -17.49
C VAL A 622 17.11 8.16 -18.80
N MET A 623 16.66 7.32 -19.74
CA MET A 623 16.15 7.81 -21.02
C MET A 623 14.78 7.21 -21.27
N TRP A 624 13.85 8.03 -21.76
CA TRP A 624 12.49 7.58 -22.11
C TRP A 624 12.38 7.92 -23.59
N LEU A 625 12.67 6.93 -24.43
CA LEU A 625 12.66 7.11 -25.87
C LEU A 625 11.36 6.79 -26.61
N GLU A 626 10.87 7.76 -27.38
CA GLU A 626 9.64 7.54 -28.14
C GLU A 626 10.02 6.81 -29.42
N ILE A 627 9.71 5.52 -29.49
CA ILE A 627 10.03 4.72 -30.67
C ILE A 627 8.81 4.49 -31.55
N ALA A 628 7.72 5.14 -31.20
CA ALA A 628 6.47 5.06 -31.96
C ALA A 628 5.51 6.13 -31.42
#